data_4K6B
#
_entry.id   4K6B
#
_cell.length_a   56.780
_cell.length_b   87.363
_cell.length_c   88.849
_cell.angle_alpha   90.00
_cell.angle_beta   90.00
_cell.angle_gamma   90.00
#
_symmetry.space_group_name_H-M   'P 21 21 21'
#
loop_
_entity.id
_entity.type
_entity.pdbx_description
1 polymer 'HS1 knob domain'
2 non-polymer 'GLUTAMIC ACID'
3 non-polymer 'PHOSPHATE ION'
4 water water
#
_entity_poly.entity_id   1
_entity_poly.type   'polypeptide(L)'
_entity_poly.pdbx_seq_one_letter_code
;GPKVPEFGSSRISALEYATTRKKSEVVYSGVSVTIPTAPTNLVSLLKTLTPSSGTLAPFFDTVNNKMVVFNENKTLFFKL
SIVGTWPSGTANRSMQLTFSGSVPDTLVSSRNSATTTDNILLATFFSVDKDGFLATNGSTLTIQSNGAAFTATTIKIIAE
Q
;
_entity_poly.pdbx_strand_id   A,B,C
#
# COMPACT_ATOMS: atom_id res chain seq x y z
N GLY A 8 -18.00 -31.56 -6.26
CA GLY A 8 -19.17 -30.82 -5.83
C GLY A 8 -19.35 -29.54 -6.61
N SER A 9 -20.28 -29.53 -7.55
CA SER A 9 -20.49 -28.40 -8.45
C SER A 9 -20.92 -27.12 -7.69
N SER A 10 -21.66 -27.29 -6.61
CA SER A 10 -22.12 -26.14 -5.87
C SER A 10 -20.97 -25.53 -5.08
N ARG A 11 -20.12 -26.39 -4.50
CA ARG A 11 -18.95 -25.89 -3.79
C ARG A 11 -17.92 -25.32 -4.73
N ILE A 12 -17.78 -25.92 -5.90
CA ILE A 12 -16.88 -25.38 -6.91
C ILE A 12 -17.35 -24.02 -7.40
N SER A 13 -18.65 -23.89 -7.66
CA SER A 13 -19.18 -22.60 -8.12
C SER A 13 -18.96 -21.51 -7.07
N ALA A 14 -19.11 -21.85 -5.80
CA ALA A 14 -18.86 -20.89 -4.74
C ALA A 14 -17.39 -20.47 -4.74
N LEU A 15 -16.49 -21.41 -4.95
CA LEU A 15 -15.06 -21.09 -5.01
C LEU A 15 -14.74 -20.21 -6.21
N GLU A 16 -15.38 -20.47 -7.35
CA GLU A 16 -15.21 -19.64 -8.52
C GLU A 16 -15.69 -18.22 -8.26
N TYR A 17 -16.83 -18.08 -7.60
CA TYR A 17 -17.30 -16.75 -7.23
C TYR A 17 -16.32 -16.05 -6.29
N ALA A 18 -15.82 -16.77 -5.29
CA ALA A 18 -14.93 -16.21 -4.28
C ALA A 18 -13.64 -15.69 -4.90
N THR A 19 -13.22 -16.30 -6.01
CA THR A 19 -11.96 -15.96 -6.65
C THR A 19 -12.14 -15.12 -7.91
N THR A 20 -13.35 -14.60 -8.12
CA THR A 20 -13.59 -13.67 -9.21
C THR A 20 -13.51 -12.24 -8.68
N ARG A 21 -12.60 -11.45 -9.22
CA ARG A 21 -12.47 -10.06 -8.82
C ARG A 21 -13.67 -9.27 -9.33
N LYS A 22 -14.27 -8.47 -8.45
CA LYS A 22 -15.32 -7.53 -8.77
C LYS A 22 -14.74 -6.13 -8.58
N LYS A 23 -14.99 -5.18 -9.47
CA LYS A 23 -14.37 -3.88 -9.29
C LYS A 23 -15.09 -2.74 -9.98
N SER A 24 -14.85 -1.56 -9.45
CA SER A 24 -15.03 -0.30 -10.15
C SER A 24 -13.67 0.24 -10.50
N GLU A 25 -13.46 0.56 -11.77
CA GLU A 25 -12.22 1.18 -12.24
C GLU A 25 -12.61 2.28 -13.19
N VAL A 26 -12.50 3.52 -12.71
CA VAL A 26 -13.02 4.67 -13.44
C VAL A 26 -11.88 5.61 -13.78
N VAL A 27 -11.82 6.01 -15.04
CA VAL A 27 -10.82 6.95 -15.50
C VAL A 27 -11.52 8.19 -16.00
N TYR A 28 -11.08 9.33 -15.48
CA TYR A 28 -11.50 10.63 -15.94
C TYR A 28 -10.27 11.27 -16.56
N SER A 29 -10.23 11.29 -17.89
CA SER A 29 -9.10 11.87 -18.60
C SER A 29 -9.59 13.20 -19.14
N GLY A 30 -8.75 14.22 -19.09
CA GLY A 30 -9.09 15.53 -19.64
C GLY A 30 -10.14 16.29 -18.85
N VAL A 31 -10.10 16.20 -17.53
CA VAL A 31 -10.98 16.99 -16.68
C VAL A 31 -10.24 18.17 -16.09
N SER A 32 -10.94 18.99 -15.33
CA SER A 32 -10.30 20.04 -14.56
C SER A 32 -11.00 20.12 -13.25
N VAL A 33 -10.58 19.26 -12.34
CA VAL A 33 -11.27 19.10 -11.10
C VAL A 33 -10.41 19.79 -10.09
N THR A 34 -10.96 20.79 -9.45
CA THR A 34 -10.27 21.44 -8.38
C THR A 34 -10.51 20.61 -7.15
N ILE A 35 -9.43 20.21 -6.51
CA ILE A 35 -9.51 19.61 -5.19
C ILE A 35 -9.19 20.70 -4.19
N PRO A 36 -10.21 21.16 -3.45
CA PRO A 36 -9.96 22.34 -2.63
C PRO A 36 -9.20 22.01 -1.35
N THR A 37 -8.86 23.07 -0.62
CA THR A 37 -8.15 22.95 0.64
C THR A 37 -9.08 22.63 1.80
N ALA A 38 -10.38 22.67 1.54
CA ALA A 38 -11.38 22.30 2.55
C ALA A 38 -11.82 20.85 2.34
N PRO A 39 -12.30 20.18 3.40
CA PRO A 39 -12.80 18.81 3.27
C PRO A 39 -13.88 18.70 2.19
N THR A 40 -13.74 17.75 1.30
CA THR A 40 -14.62 17.63 0.14
C THR A 40 -14.98 16.16 -0.05
N ASN A 41 -16.27 15.89 -0.21
CA ASN A 41 -16.71 14.53 -0.46
C ASN A 41 -16.26 14.10 -1.85
N LEU A 42 -15.41 13.07 -1.92
CA LEU A 42 -14.80 12.70 -3.18
C LEU A 42 -15.81 12.16 -4.18
N VAL A 43 -16.73 11.32 -3.74
CA VAL A 43 -17.72 10.79 -4.67
C VAL A 43 -18.60 11.92 -5.21
N SER A 44 -18.97 12.87 -4.37
CA SER A 44 -19.73 14.02 -4.83
C SER A 44 -18.99 14.79 -5.90
N LEU A 45 -17.67 14.91 -5.73
CA LEU A 45 -16.84 15.62 -6.66
C LEU A 45 -16.78 14.91 -8.02
N LEU A 46 -16.64 13.59 -7.99
CA LEU A 46 -16.47 12.78 -9.20
C LEU A 46 -17.77 12.52 -9.96
N LYS A 47 -18.88 12.44 -9.25
CA LYS A 47 -20.10 11.90 -9.85
C LYS A 47 -20.73 12.80 -10.89
N THR A 48 -20.33 14.06 -10.91
CA THR A 48 -20.81 15.00 -11.91
C THR A 48 -20.10 14.87 -13.25
N LEU A 49 -18.99 14.13 -13.28
CA LEU A 49 -18.14 14.07 -14.46
C LEU A 49 -18.50 12.89 -15.35
N THR A 50 -18.37 13.07 -16.65
CA THR A 50 -18.55 11.96 -17.57
C THR A 50 -17.24 11.17 -17.56
N PRO A 51 -17.31 9.87 -17.22
CA PRO A 51 -16.08 9.08 -17.26
C PRO A 51 -15.54 8.93 -18.67
N SER A 52 -14.22 8.86 -18.79
CA SER A 52 -13.61 8.42 -20.03
C SER A 52 -13.77 6.90 -20.21
N SER A 53 -13.71 6.15 -19.10
CA SER A 53 -13.98 4.72 -19.11
C SER A 53 -14.37 4.28 -17.72
N GLY A 54 -15.13 3.19 -17.66
CA GLY A 54 -15.55 2.63 -16.39
C GLY A 54 -16.77 3.30 -15.81
N THR A 55 -17.22 2.78 -14.67
CA THR A 55 -18.39 3.33 -13.97
C THR A 55 -18.16 3.36 -12.47
N LEU A 56 -18.70 4.37 -11.81
CA LEU A 56 -18.61 4.42 -10.36
C LEU A 56 -19.31 3.23 -9.70
N ALA A 57 -20.48 2.84 -10.20
CA ALA A 57 -21.12 1.64 -9.68
C ALA A 57 -20.26 0.41 -10.02
N PRO A 58 -20.24 -0.61 -9.15
CA PRO A 58 -21.07 -0.73 -7.94
C PRO A 58 -20.40 -0.26 -6.65
N PHE A 59 -19.11 0.04 -6.66
CA PHE A 59 -18.41 0.35 -5.41
C PHE A 59 -18.53 1.80 -4.98
N PHE A 60 -18.93 2.70 -5.88
CA PHE A 60 -19.10 4.11 -5.52
C PHE A 60 -20.52 4.49 -5.81
N ASP A 61 -21.22 4.78 -4.73
CA ASP A 61 -22.64 5.05 -4.73
C ASP A 61 -22.88 6.54 -4.88
N THR A 62 -23.50 6.90 -5.99
CA THR A 62 -23.63 8.30 -6.37
C THR A 62 -24.89 8.93 -5.81
N VAL A 63 -25.69 8.16 -5.09
CA VAL A 63 -26.83 8.75 -4.40
C VAL A 63 -26.41 9.18 -3.00
N ASN A 64 -25.71 8.31 -2.29
CA ASN A 64 -25.26 8.63 -0.93
C ASN A 64 -23.80 9.08 -0.81
N ASN A 65 -23.13 9.20 -1.95
CA ASN A 65 -21.78 9.79 -2.01
C ASN A 65 -20.79 9.05 -1.11
N LYS A 66 -20.71 7.74 -1.31
CA LYS A 66 -19.89 6.90 -0.47
C LYS A 66 -19.32 5.76 -1.28
N MET A 67 -18.26 5.15 -0.76
CA MET A 67 -17.83 3.84 -1.21
C MET A 67 -18.65 2.81 -0.47
N VAL A 68 -19.10 1.78 -1.19
CA VAL A 68 -19.85 0.68 -0.62
C VAL A 68 -19.16 -0.62 -0.99
N VAL A 69 -19.46 -1.69 -0.24
CA VAL A 69 -18.77 -2.95 -0.40
C VAL A 69 -19.75 -4.08 -0.46
N PHE A 70 -19.31 -5.22 -0.97
CA PHE A 70 -20.10 -6.44 -0.95
C PHE A 70 -20.01 -7.09 0.44
N ASN A 71 -21.10 -7.73 0.84
CA ASN A 71 -21.24 -8.26 2.19
C ASN A 71 -20.58 -9.64 2.28
N GLU A 72 -19.25 -9.64 2.26
CA GLU A 72 -18.44 -10.84 2.09
C GLU A 72 -17.17 -10.68 2.90
N ASN A 73 -16.67 -11.80 3.44
CA ASN A 73 -15.41 -11.80 4.16
C ASN A 73 -14.25 -11.82 3.17
N LYS A 74 -14.15 -10.73 2.42
CA LYS A 74 -13.20 -10.60 1.33
C LYS A 74 -12.67 -9.18 1.35
N THR A 75 -11.37 -9.04 1.36
CA THR A 75 -10.73 -7.73 1.45
C THR A 75 -10.88 -6.92 0.16
N LEU A 76 -11.07 -5.62 0.33
CA LEU A 76 -11.21 -4.66 -0.75
C LEU A 76 -9.90 -3.90 -0.87
N PHE A 77 -9.44 -3.74 -2.11
CA PHE A 77 -8.24 -2.99 -2.43
C PHE A 77 -8.63 -1.71 -3.15
N PHE A 78 -8.01 -0.61 -2.73
CA PHE A 78 -8.35 0.72 -3.20
C PHE A 78 -7.13 1.44 -3.73
N LYS A 79 -7.26 2.10 -4.88
CA LYS A 79 -6.18 2.95 -5.40
C LYS A 79 -6.75 4.19 -6.04
N LEU A 80 -6.08 5.32 -5.80
CA LEU A 80 -6.43 6.59 -6.43
C LEU A 80 -5.16 7.18 -7.03
N SER A 81 -5.15 7.33 -8.34
CA SER A 81 -4.02 7.87 -9.08
C SER A 81 -4.45 9.18 -9.69
N ILE A 82 -3.73 10.26 -9.38
CA ILE A 82 -4.11 11.60 -9.81
C ILE A 82 -2.93 12.27 -10.51
N VAL A 83 -3.19 12.67 -11.75
CA VAL A 83 -2.27 13.52 -12.49
C VAL A 83 -2.78 14.95 -12.37
N GLY A 84 -1.94 15.88 -11.95
CA GLY A 84 -2.36 17.26 -11.83
C GLY A 84 -1.25 18.11 -11.29
N THR A 85 -1.62 19.28 -10.78
CA THR A 85 -0.66 20.25 -10.31
C THR A 85 -1.13 20.98 -9.08
N TRP A 86 -0.16 21.31 -8.24
CA TRP A 86 -0.30 22.39 -7.28
C TRP A 86 0.28 23.63 -7.96
N PRO A 87 -0.07 24.84 -7.48
CA PRO A 87 0.47 26.05 -8.09
C PRO A 87 1.99 26.09 -8.06
N SER A 88 2.58 26.67 -9.11
CA SER A 88 4.01 26.83 -9.18
C SER A 88 4.48 27.56 -7.94
N GLY A 89 5.56 27.05 -7.36
CA GLY A 89 6.14 27.63 -6.16
C GLY A 89 5.64 27.00 -4.89
N THR A 90 4.62 26.15 -4.95
CA THR A 90 4.13 25.48 -3.73
C THR A 90 5.17 24.45 -3.31
N ALA A 91 5.71 24.61 -2.11
CA ALA A 91 6.75 23.73 -1.59
C ALA A 91 6.10 22.66 -0.71
N ASN A 92 5.89 22.96 0.56
CA ASN A 92 5.19 21.99 1.42
C ASN A 92 3.75 21.82 0.95
N ARG A 93 3.34 20.58 0.71
CA ARG A 93 2.01 20.32 0.18
C ARG A 93 1.69 18.85 0.41
N SER A 94 0.41 18.52 0.49
CA SER A 94 0.03 17.13 0.59
C SER A 94 -1.38 16.90 0.08
N MET A 95 -1.66 15.65 -0.27
CA MET A 95 -3.01 15.21 -0.58
C MET A 95 -3.45 14.26 0.52
N GLN A 96 -4.64 14.50 1.04
CA GLN A 96 -5.16 13.75 2.17
C GLN A 96 -6.52 13.15 1.80
N LEU A 97 -6.73 11.90 2.19
CA LEU A 97 -7.97 11.17 1.89
C LEU A 97 -8.35 10.38 3.12
N THR A 98 -9.53 10.67 3.65
CA THR A 98 -10.03 10.00 4.84
C THR A 98 -11.21 9.10 4.47
N PHE A 99 -11.22 7.91 5.05
CA PHE A 99 -12.30 6.95 4.91
C PHE A 99 -13.00 6.80 6.26
N SER A 100 -14.29 7.10 6.34
CA SER A 100 -15.01 6.81 7.57
C SER A 100 -15.09 5.32 7.81
N GLY A 101 -15.22 4.95 9.08
CA GLY A 101 -15.25 3.54 9.44
C GLY A 101 -15.37 3.43 10.94
N SER A 102 -15.35 2.22 11.46
CA SER A 102 -15.39 2.05 12.91
C SER A 102 -14.22 2.84 13.53
N VAL A 103 -13.04 2.67 12.93
CA VAL A 103 -11.89 3.55 13.14
C VAL A 103 -11.61 4.17 11.78
N PRO A 104 -11.68 5.50 11.64
CA PRO A 104 -11.42 6.11 10.35
C PRO A 104 -9.97 5.97 9.95
N ASP A 105 -9.72 5.85 8.65
CA ASP A 105 -8.36 5.78 8.13
C ASP A 105 -8.02 7.06 7.37
N THR A 106 -6.85 7.63 7.65
CA THR A 106 -6.45 8.88 7.03
C THR A 106 -5.17 8.66 6.25
N LEU A 107 -5.28 8.68 4.93
CA LEU A 107 -4.12 8.59 4.05
C LEU A 107 -3.58 9.97 3.76
N VAL A 108 -2.25 10.11 3.76
CA VAL A 108 -1.61 11.36 3.44
C VAL A 108 -0.44 11.08 2.52
N SER A 109 -0.36 11.81 1.40
CA SER A 109 0.83 11.80 0.57
C SER A 109 1.40 13.20 0.62
N SER A 110 2.48 13.34 1.37
CA SER A 110 3.10 14.62 1.63
C SER A 110 4.37 14.77 0.83
N ARG A 111 4.70 16.01 0.47
CA ARG A 111 5.96 16.27 -0.16
C ARG A 111 6.36 17.73 0.12
N ASN A 112 7.54 18.09 -0.36
CA ASN A 112 8.16 19.35 -0.04
C ASN A 112 8.99 19.84 -1.22
N SER A 113 9.82 20.84 -0.98
CA SER A 113 10.62 21.49 -2.01
C SER A 113 11.50 20.53 -2.83
N ALA A 114 11.84 19.38 -2.27
CA ALA A 114 12.72 18.47 -2.99
C ALA A 114 12.07 17.79 -4.18
N THR A 115 10.74 17.65 -4.15
CA THR A 115 10.02 16.91 -5.18
C THR A 115 9.33 17.86 -6.13
N THR A 116 9.61 17.74 -7.42
CA THR A 116 8.95 18.60 -8.39
C THR A 116 7.61 18.03 -8.83
N THR A 117 7.51 16.72 -8.99
CA THR A 117 6.24 16.17 -9.44
C THR A 117 5.12 16.42 -8.44
N ASP A 118 3.93 16.70 -8.99
CA ASP A 118 2.72 16.87 -8.22
C ASP A 118 1.78 15.67 -8.36
N ASN A 119 2.17 14.64 -9.09
CA ASN A 119 1.29 13.49 -9.29
C ASN A 119 1.21 12.64 -8.04
N ILE A 120 0.05 12.02 -7.82
CA ILE A 120 -0.29 11.39 -6.55
C ILE A 120 -0.75 9.97 -6.74
N LEU A 121 -0.32 9.08 -5.86
CA LEU A 121 -0.79 7.69 -5.84
C LEU A 121 -1.06 7.32 -4.40
N LEU A 122 -2.33 7.07 -4.10
CA LEU A 122 -2.77 6.62 -2.78
C LEU A 122 -3.31 5.20 -2.92
N ALA A 123 -2.84 4.27 -2.12
CA ALA A 123 -3.35 2.90 -2.18
C ALA A 123 -3.50 2.35 -0.78
N THR A 124 -4.51 1.49 -0.58
CA THR A 124 -4.71 0.87 0.71
C THR A 124 -5.64 -0.33 0.54
N PHE A 125 -6.01 -0.95 1.65
CA PHE A 125 -6.99 -2.02 1.63
C PHE A 125 -7.92 -1.90 2.83
N PHE A 126 -9.05 -2.57 2.74
CA PHE A 126 -10.06 -2.62 3.81
C PHE A 126 -10.49 -4.06 4.00
N SER A 127 -10.29 -4.54 5.22
CA SER A 127 -10.56 -5.94 5.51
C SER A 127 -12.02 -6.13 5.89
N VAL A 128 -12.86 -6.12 4.86
CA VAL A 128 -14.30 -6.16 5.05
C VAL A 128 -14.73 -7.44 5.74
N ASP A 129 -15.55 -7.31 6.78
CA ASP A 129 -16.19 -8.43 7.44
C ASP A 129 -17.65 -8.50 7.04
N LYS A 130 -18.13 -9.71 6.79
CA LYS A 130 -19.55 -9.91 6.57
C LYS A 130 -20.33 -9.34 7.75
N ASP A 131 -21.36 -8.55 7.44
CA ASP A 131 -22.24 -7.92 8.43
C ASP A 131 -21.53 -6.92 9.33
N GLY A 132 -20.33 -6.50 8.95
CA GLY A 132 -19.58 -5.54 9.73
C GLY A 132 -19.90 -4.10 9.37
N PHE A 133 -19.06 -3.19 9.87
CA PHE A 133 -19.35 -1.77 9.73
C PHE A 133 -19.39 -1.31 8.27
N LEU A 134 -18.34 -1.61 7.52
CA LEU A 134 -18.33 -1.22 6.11
C LEU A 134 -19.47 -1.86 5.31
N ALA A 135 -19.74 -3.13 5.56
CA ALA A 135 -20.78 -3.83 4.83
C ALA A 135 -22.14 -3.20 5.05
N THR A 136 -22.38 -2.62 6.22
CA THR A 136 -23.66 -2.02 6.55
C THR A 136 -23.74 -0.51 6.27
N ASN A 137 -22.63 0.19 6.42
CA ASN A 137 -22.60 1.64 6.36
C ASN A 137 -21.91 2.21 5.13
N GLY A 138 -21.06 1.43 4.48
CA GLY A 138 -20.18 2.03 3.49
C GLY A 138 -19.18 2.96 4.17
N SER A 139 -18.46 3.73 3.35
CA SER A 139 -17.46 4.67 3.83
C SER A 139 -17.56 5.98 3.07
N THR A 140 -17.63 7.08 3.79
CA THR A 140 -17.51 8.38 3.17
C THR A 140 -16.04 8.67 2.94
N LEU A 141 -15.68 8.99 1.69
CA LEU A 141 -14.33 9.39 1.33
C LEU A 141 -14.30 10.91 1.29
N THR A 142 -13.43 11.50 2.10
CA THR A 142 -13.28 12.94 2.18
C THR A 142 -11.87 13.28 1.76
N ILE A 143 -11.73 14.08 0.72
CA ILE A 143 -10.43 14.48 0.19
C ILE A 143 -10.16 15.95 0.50
N GLN A 144 -8.89 16.30 0.67
CA GLN A 144 -8.50 17.66 0.94
C GLN A 144 -7.08 17.83 0.45
N SER A 145 -6.84 18.93 -0.24
CA SER A 145 -5.51 19.31 -0.68
C SER A 145 -4.93 20.29 0.29
N ASN A 146 -3.69 20.09 0.70
CA ASN A 146 -3.07 20.92 1.71
C ASN A 146 -1.90 21.69 1.15
N GLY A 147 -1.82 22.97 1.53
CA GLY A 147 -0.77 23.86 1.06
C GLY A 147 -1.31 24.84 0.04
N ALA A 148 -2.17 24.34 -0.84
CA ALA A 148 -2.86 25.12 -1.85
C ALA A 148 -3.86 24.18 -2.51
N ALA A 149 -4.79 24.72 -3.29
CA ALA A 149 -5.71 23.88 -4.02
C ALA A 149 -4.96 23.12 -5.10
N PHE A 150 -5.48 21.96 -5.46
CA PHE A 150 -4.88 21.08 -6.45
C PHE A 150 -5.78 21.04 -7.67
N THR A 151 -5.19 21.06 -8.85
CA THR A 151 -5.94 20.96 -10.09
C THR A 151 -5.63 19.63 -10.74
N ALA A 152 -6.60 18.72 -10.73
CA ALA A 152 -6.43 17.38 -11.27
C ALA A 152 -6.85 17.38 -12.72
N THR A 153 -6.04 16.76 -13.58
CA THR A 153 -6.36 16.69 -15.00
C THR A 153 -6.62 15.26 -15.48
N THR A 154 -6.11 14.26 -14.76
CA THR A 154 -6.54 12.88 -14.94
C THR A 154 -6.68 12.23 -13.57
N ILE A 155 -7.78 11.49 -13.40
CA ILE A 155 -8.05 10.77 -12.17
C ILE A 155 -8.42 9.33 -12.52
N LYS A 156 -7.77 8.38 -11.86
CA LYS A 156 -8.09 6.97 -11.97
C LYS A 156 -8.41 6.47 -10.56
N ILE A 157 -9.61 5.91 -10.37
CA ILE A 157 -10.02 5.43 -9.07
C ILE A 157 -10.47 3.98 -9.19
N ILE A 158 -9.95 3.14 -8.30
CA ILE A 158 -10.21 1.71 -8.31
C ILE A 158 -10.61 1.25 -6.92
N ALA A 159 -11.70 0.48 -6.87
CA ALA A 159 -12.03 -0.32 -5.69
C ALA A 159 -12.34 -1.71 -6.18
N GLU A 160 -11.75 -2.73 -5.55
CA GLU A 160 -11.97 -4.09 -6.02
C GLU A 160 -12.09 -5.05 -4.84
N GLN A 161 -12.94 -6.05 -5.02
CA GLN A 161 -13.27 -6.99 -3.98
C GLN A 161 -13.83 -8.23 -4.68
N GLU B 6 -6.88 -37.74 -8.97
CA GLU B 6 -8.21 -37.18 -8.75
C GLU B 6 -8.25 -36.39 -7.45
N PHE B 7 -8.50 -37.08 -6.33
CA PHE B 7 -8.51 -36.45 -5.01
C PHE B 7 -9.49 -35.27 -4.92
N GLY B 8 -10.61 -35.37 -5.63
CA GLY B 8 -11.54 -34.25 -5.77
C GLY B 8 -12.04 -33.63 -4.46
N SER B 9 -12.51 -34.46 -3.55
CA SER B 9 -13.09 -33.99 -2.29
C SER B 9 -12.03 -33.24 -1.50
N SER B 10 -10.86 -33.86 -1.37
CA SER B 10 -9.79 -33.26 -0.60
C SER B 10 -9.31 -31.98 -1.23
N ARG B 11 -9.26 -31.94 -2.56
CA ARG B 11 -8.79 -30.75 -3.25
C ARG B 11 -9.78 -29.59 -3.15
N ILE B 12 -11.08 -29.87 -3.13
CA ILE B 12 -12.07 -28.83 -2.90
C ILE B 12 -11.94 -28.27 -1.48
N SER B 13 -11.81 -29.15 -0.49
CA SER B 13 -11.64 -28.67 0.89
C SER B 13 -10.38 -27.82 1.02
N ALA B 14 -9.30 -28.23 0.34
CA ALA B 14 -8.07 -27.46 0.38
C ALA B 14 -8.26 -26.06 -0.22
N LEU B 15 -8.98 -26.00 -1.35
CA LEU B 15 -9.27 -24.72 -1.98
C LEU B 15 -10.13 -23.83 -1.08
N GLU B 16 -11.06 -24.42 -0.35
CA GLU B 16 -11.86 -23.66 0.62
C GLU B 16 -10.95 -23.06 1.70
N TYR B 17 -9.99 -23.84 2.18
CA TYR B 17 -9.02 -23.29 3.12
C TYR B 17 -8.20 -22.17 2.47
N ALA B 18 -7.73 -22.41 1.24
CA ALA B 18 -6.88 -21.48 0.52
C ALA B 18 -7.53 -20.12 0.29
N THR B 19 -8.86 -20.12 0.22
CA THR B 19 -9.62 -18.91 -0.06
C THR B 19 -10.35 -18.36 1.17
N THR B 20 -10.03 -18.88 2.35
CA THR B 20 -10.55 -18.34 3.60
C THR B 20 -9.51 -17.41 4.23
N ARG B 21 -9.90 -16.16 4.45
CA ARG B 21 -9.01 -15.19 5.06
C ARG B 21 -8.78 -15.54 6.52
N LYS B 22 -7.53 -15.50 6.96
CA LYS B 22 -7.16 -15.61 8.37
C LYS B 22 -6.71 -14.23 8.82
N LYS B 23 -7.14 -13.77 9.99
CA LYS B 23 -6.84 -12.39 10.36
C LYS B 23 -6.77 -12.17 11.85
N SER B 24 -5.90 -11.24 12.25
CA SER B 24 -6.01 -10.51 13.51
C SER B 24 -6.37 -9.08 13.16
N GLU B 25 -7.45 -8.58 13.76
CA GLU B 25 -7.89 -7.20 13.59
C GLU B 25 -8.22 -6.70 14.98
N VAL B 26 -7.34 -5.85 15.52
CA VAL B 26 -7.40 -5.46 16.92
C VAL B 26 -7.59 -3.95 17.00
N VAL B 27 -8.56 -3.52 17.78
CA VAL B 27 -8.83 -2.11 17.99
C VAL B 27 -8.67 -1.78 19.46
N TYR B 28 -7.93 -0.72 19.72
CA TYR B 28 -7.77 -0.14 21.04
C TYR B 28 -8.39 1.24 20.96
N SER B 29 -9.53 1.42 21.62
CA SER B 29 -10.29 2.68 21.55
C SER B 29 -10.27 3.41 22.88
N GLY B 30 -10.19 4.73 22.82
CA GLY B 30 -10.26 5.55 24.02
C GLY B 30 -9.07 5.36 24.92
N VAL B 31 -7.91 5.14 24.32
CA VAL B 31 -6.66 4.98 25.06
C VAL B 31 -5.86 6.29 25.04
N SER B 32 -4.73 6.30 25.73
CA SER B 32 -3.79 7.42 25.68
C SER B 32 -2.39 6.86 25.80
N VAL B 33 -1.84 6.50 24.65
CA VAL B 33 -0.60 5.73 24.54
C VAL B 33 0.51 6.58 23.93
N THR B 34 1.65 6.68 24.62
CA THR B 34 2.79 7.38 24.06
C THR B 34 3.54 6.48 23.10
N ILE B 35 3.73 6.97 21.88
CA ILE B 35 4.67 6.37 20.95
C ILE B 35 5.92 7.24 21.01
N PRO B 36 6.99 6.73 21.63
CA PRO B 36 8.10 7.64 21.86
C PRO B 36 9.01 7.81 20.66
N THR B 37 9.96 8.71 20.83
CA THR B 37 10.95 8.98 19.79
C THR B 37 12.08 7.95 19.76
N ALA B 38 12.15 7.08 20.75
CA ALA B 38 13.12 6.00 20.73
C ALA B 38 12.48 4.77 20.12
N PRO B 39 13.28 3.90 19.49
CA PRO B 39 12.71 2.67 18.93
C PRO B 39 11.99 1.85 19.98
N THR B 40 10.79 1.39 19.62
CA THR B 40 9.92 0.71 20.56
C THR B 40 9.33 -0.51 19.91
N ASN B 41 9.41 -1.65 20.59
CA ASN B 41 8.80 -2.87 20.06
C ASN B 41 7.28 -2.70 20.08
N LEU B 42 6.66 -2.76 18.91
CA LEU B 42 5.25 -2.44 18.81
C LEU B 42 4.38 -3.46 19.53
N VAL B 43 4.71 -4.73 19.42
CA VAL B 43 3.90 -5.74 20.11
C VAL B 43 4.02 -5.55 21.63
N SER B 44 5.21 -5.24 22.11
CA SER B 44 5.38 -4.95 23.54
C SER B 44 4.52 -3.79 23.99
N LEU B 45 4.43 -2.77 23.15
CA LEU B 45 3.62 -1.60 23.46
C LEU B 45 2.15 -1.94 23.48
N LEU B 46 1.67 -2.68 22.49
CA LEU B 46 0.24 -2.97 22.40
C LEU B 46 -0.23 -3.96 23.46
N LYS B 47 0.61 -4.92 23.81
CA LYS B 47 0.13 -6.01 24.66
C LYS B 47 -0.11 -5.50 26.10
N THR B 48 0.34 -4.28 26.41
CA THR B 48 0.05 -3.65 27.70
C THR B 48 -1.38 -3.13 27.76
N LEU B 49 -2.00 -3.01 26.58
CA LEU B 49 -3.34 -2.47 26.46
C LEU B 49 -4.35 -3.59 26.35
N THR B 50 -5.57 -3.35 26.81
CA THR B 50 -6.67 -4.27 26.60
C THR B 50 -7.44 -3.90 25.33
N PRO B 51 -7.55 -4.82 24.35
CA PRO B 51 -8.30 -4.47 23.14
C PRO B 51 -9.76 -4.16 23.44
N SER B 52 -10.29 -3.20 22.70
CA SER B 52 -11.73 -2.96 22.65
C SER B 52 -12.42 -4.05 21.83
N SER B 53 -11.72 -4.55 20.81
CA SER B 53 -12.24 -5.65 20.01
C SER B 53 -11.08 -6.37 19.34
N GLY B 54 -11.29 -7.64 19.01
CA GLY B 54 -10.30 -8.44 18.34
C GLY B 54 -9.25 -9.03 19.27
N THR B 55 -8.35 -9.81 18.68
CA THR B 55 -7.29 -10.46 19.44
C THR B 55 -5.97 -10.40 18.68
N LEU B 56 -4.90 -10.21 19.42
CA LEU B 56 -3.57 -10.26 18.84
C LEU B 56 -3.26 -11.61 18.22
N ALA B 57 -3.68 -12.70 18.86
CA ALA B 57 -3.53 -14.03 18.26
C ALA B 57 -4.41 -14.12 17.01
N PRO B 58 -3.95 -14.84 15.97
CA PRO B 58 -2.72 -15.64 15.90
C PRO B 58 -1.53 -14.92 15.31
N PHE B 59 -1.67 -13.70 14.80
CA PHE B 59 -0.59 -13.05 14.05
C PHE B 59 0.41 -12.29 14.91
N PHE B 60 0.08 -12.01 16.16
CA PHE B 60 1.00 -11.28 17.03
C PHE B 60 1.31 -12.10 18.27
N ASP B 61 2.58 -12.48 18.38
CA ASP B 61 3.13 -13.34 19.42
C ASP B 61 3.55 -12.46 20.58
N THR B 62 2.85 -12.58 21.70
CA THR B 62 3.07 -11.70 22.84
C THR B 62 4.10 -12.26 23.83
N VAL B 63 4.67 -13.41 23.52
CA VAL B 63 5.77 -13.94 24.30
C VAL B 63 7.09 -13.42 23.73
N ASN B 64 7.24 -13.54 22.42
CA ASN B 64 8.45 -13.12 21.74
C ASN B 64 8.33 -11.73 21.12
N ASN B 65 7.17 -11.10 21.27
CA ASN B 65 6.94 -9.71 20.86
C ASN B 65 7.23 -9.49 19.38
N LYS B 66 6.56 -10.26 18.55
CA LYS B 66 6.77 -10.18 17.13
C LYS B 66 5.51 -10.59 16.37
N MET B 67 5.46 -10.22 15.10
CA MET B 67 4.46 -10.74 14.19
C MET B 67 4.91 -12.10 13.67
N VAL B 68 3.96 -13.02 13.57
CA VAL B 68 4.21 -14.36 13.05
C VAL B 68 3.20 -14.62 11.93
N VAL B 69 3.53 -15.61 11.09
CA VAL B 69 2.76 -15.87 9.89
C VAL B 69 2.47 -17.34 9.74
N PHE B 70 1.47 -17.65 8.93
CA PHE B 70 1.20 -19.04 8.57
C PHE B 70 2.19 -19.48 7.50
N ASN B 71 2.61 -20.73 7.58
CA ASN B 71 3.64 -21.27 6.72
C ASN B 71 3.05 -21.74 5.40
N GLU B 72 2.66 -20.76 4.59
CA GLU B 72 2.00 -21.04 3.32
C GLU B 72 2.34 -19.93 2.34
N ASN B 73 2.28 -20.27 1.06
CA ASN B 73 2.59 -19.33 0.00
C ASN B 73 1.42 -18.39 -0.27
N LYS B 74 1.10 -17.60 0.72
CA LYS B 74 -0.04 -16.69 0.70
C LYS B 74 0.45 -15.39 1.31
N THR B 75 0.26 -14.31 0.58
CA THR B 75 0.73 -13.01 1.01
C THR B 75 -0.06 -12.49 2.20
N LEU B 76 0.67 -11.83 3.10
CA LEU B 76 0.11 -11.22 4.29
C LEU B 76 -0.07 -9.73 4.03
N PHE B 77 -1.25 -9.22 4.35
CA PHE B 77 -1.55 -7.79 4.22
C PHE B 77 -1.61 -7.19 5.61
N PHE B 78 -0.96 -6.04 5.78
CA PHE B 78 -0.78 -5.39 7.07
C PHE B 78 -1.27 -3.95 7.01
N LYS B 79 -2.03 -3.52 8.02
CA LYS B 79 -2.42 -2.12 8.12
C LYS B 79 -2.37 -1.69 9.58
N LEU B 80 -1.86 -0.48 9.80
CA LEU B 80 -1.85 0.15 11.11
C LEU B 80 -2.45 1.54 10.95
N SER B 81 -3.57 1.77 11.61
CA SER B 81 -4.28 3.03 11.56
C SER B 81 -4.25 3.63 12.95
N ILE B 82 -3.71 4.84 13.08
CA ILE B 82 -3.52 5.47 14.38
C ILE B 82 -4.15 6.85 14.40
N VAL B 83 -5.05 7.05 15.35
CA VAL B 83 -5.62 8.36 15.62
C VAL B 83 -4.84 8.91 16.80
N GLY B 84 -4.29 10.12 16.67
CA GLY B 84 -3.55 10.72 17.76
C GLY B 84 -2.95 12.05 17.36
N THR B 85 -2.00 12.54 18.15
CA THR B 85 -1.43 13.86 17.94
C THR B 85 0.03 13.94 18.33
N TRP B 86 0.73 14.82 17.65
CA TRP B 86 1.99 15.40 18.11
C TRP B 86 1.67 16.69 18.87
N PRO B 87 2.64 17.23 19.63
CA PRO B 87 2.39 18.49 20.34
C PRO B 87 2.01 19.60 19.39
N SER B 88 1.19 20.52 19.87
CA SER B 88 0.83 21.69 19.08
C SER B 88 2.07 22.38 18.56
N GLY B 89 2.04 22.80 17.30
CA GLY B 89 3.15 23.51 16.70
C GLY B 89 4.18 22.64 16.02
N THR B 90 4.09 21.32 16.18
CA THR B 90 5.06 20.43 15.55
C THR B 90 4.88 20.50 14.04
N ALA B 91 5.96 20.84 13.34
CA ALA B 91 5.91 21.01 11.90
C ALA B 91 6.40 19.74 11.21
N ASN B 92 7.70 19.61 10.96
CA ASN B 92 8.21 18.37 10.38
C ASN B 92 8.07 17.23 11.38
N ARG B 93 7.47 16.13 10.96
CA ARG B 93 7.20 15.02 11.85
C ARG B 93 6.93 13.78 11.02
N SER B 94 7.17 12.61 11.59
CA SER B 94 6.85 11.38 10.87
C SER B 94 6.65 10.24 11.86
N MET B 95 5.95 9.21 11.37
CA MET B 95 5.83 7.94 12.07
C MET B 95 6.54 6.88 11.24
N GLN B 96 7.38 6.08 11.88
CA GLN B 96 8.13 5.06 11.16
C GLN B 96 7.94 3.70 11.82
N LEU B 97 7.89 2.67 10.98
CA LEU B 97 7.67 1.31 11.43
C LEU B 97 8.57 0.38 10.63
N THR B 98 9.43 -0.35 11.35
CA THR B 98 10.35 -1.27 10.72
C THR B 98 9.94 -2.71 11.00
N PHE B 99 10.05 -3.56 9.99
CA PHE B 99 9.80 -4.98 10.10
C PHE B 99 11.11 -5.70 9.83
N SER B 100 11.58 -6.49 10.79
CA SER B 100 12.75 -7.31 10.51
C SER B 100 12.41 -8.36 9.46
N GLY B 101 13.43 -8.80 8.74
CA GLY B 101 13.23 -9.76 7.67
C GLY B 101 14.56 -10.05 7.02
N SER B 102 14.56 -10.88 6.00
CA SER B 102 15.79 -11.14 5.27
C SER B 102 16.37 -9.82 4.78
N VAL B 103 15.50 -8.99 4.21
CA VAL B 103 15.77 -7.58 4.00
C VAL B 103 14.71 -6.85 4.83
N PRO B 104 15.11 -6.03 5.81
CA PRO B 104 14.12 -5.33 6.62
C PRO B 104 13.39 -4.28 5.81
N ASP B 105 12.12 -4.08 6.12
CA ASP B 105 11.33 -3.05 5.47
C ASP B 105 11.03 -1.92 6.44
N THR B 106 11.16 -0.69 5.95
CA THR B 106 10.93 0.48 6.77
C THR B 106 9.85 1.34 6.14
N LEU B 107 8.70 1.40 6.80
CA LEU B 107 7.61 2.28 6.40
C LEU B 107 7.76 3.63 7.08
N VAL B 108 7.50 4.71 6.34
CA VAL B 108 7.56 6.04 6.91
C VAL B 108 6.35 6.82 6.40
N SER B 109 5.63 7.45 7.32
CA SER B 109 4.62 8.42 6.94
C SER B 109 5.08 9.77 7.46
N SER B 110 5.58 10.60 6.55
CA SER B 110 6.15 11.90 6.86
C SER B 110 5.19 13.00 6.51
N ARG B 111 5.26 14.09 7.25
CA ARG B 111 4.52 15.28 6.87
C ARG B 111 5.21 16.52 7.44
N ASN B 112 4.64 17.66 7.12
CA ASN B 112 5.23 18.95 7.42
C ASN B 112 4.09 19.92 7.74
N SER B 113 4.45 21.20 7.83
CA SER B 113 3.52 22.26 8.23
C SER B 113 2.26 22.34 7.40
N ALA B 114 2.29 21.86 6.16
CA ALA B 114 1.12 22.00 5.31
C ALA B 114 -0.02 21.09 5.75
N THR B 115 0.29 19.97 6.38
CA THR B 115 -0.73 19.02 6.81
C THR B 115 -1.02 19.24 8.28
N THR B 116 -2.27 19.46 8.66
CA THR B 116 -2.61 19.65 10.05
C THR B 116 -3.04 18.38 10.75
N THR B 117 -3.65 17.43 10.05
CA THR B 117 -4.00 16.19 10.70
C THR B 117 -2.73 15.45 11.12
N ASP B 118 -2.80 14.78 12.26
CA ASP B 118 -1.73 13.93 12.75
C ASP B 118 -2.05 12.43 12.63
N ASN B 119 -3.20 12.09 12.07
CA ASN B 119 -3.55 10.68 12.00
C ASN B 119 -2.71 9.95 10.96
N ILE B 120 -2.44 8.68 11.22
CA ILE B 120 -1.46 7.91 10.46
C ILE B 120 -2.11 6.65 9.90
N LEU B 121 -1.78 6.33 8.66
CA LEU B 121 -2.19 5.07 8.05
C LEU B 121 -0.98 4.48 7.35
N LEU B 122 -0.52 3.35 7.87
CA LEU B 122 0.57 2.60 7.27
C LEU B 122 0.02 1.28 6.77
N ALA B 123 0.26 0.97 5.51
CA ALA B 123 -0.20 -0.31 4.97
C ALA B 123 0.88 -0.88 4.07
N THR B 124 0.96 -2.20 4.02
CA THR B 124 1.93 -2.87 3.17
C THR B 124 1.54 -4.33 3.04
N PHE B 125 2.38 -5.11 2.37
CA PHE B 125 2.19 -6.55 2.30
C PHE B 125 3.54 -7.23 2.43
N PHE B 126 3.48 -8.52 2.76
CA PHE B 126 4.64 -9.38 2.89
C PHE B 126 4.38 -10.67 2.13
N SER B 127 5.23 -10.93 1.16
CA SER B 127 5.03 -12.08 0.28
C SER B 127 5.63 -13.34 0.91
N VAL B 128 4.91 -13.87 1.89
CA VAL B 128 5.38 -15.00 2.68
C VAL B 128 5.63 -16.21 1.78
N ASP B 129 6.81 -16.80 1.94
CA ASP B 129 7.17 -18.07 1.30
C ASP B 129 7.14 -19.20 2.31
N LYS B 130 6.64 -20.35 1.91
CA LYS B 130 6.71 -21.52 2.75
C LYS B 130 8.16 -21.78 3.11
N ASP B 131 8.40 -22.00 4.40
CA ASP B 131 9.72 -22.28 4.97
C ASP B 131 10.71 -21.15 4.76
N GLY B 132 10.21 -19.95 4.46
CA GLY B 132 11.05 -18.79 4.27
C GLY B 132 11.35 -18.07 5.56
N PHE B 133 11.92 -16.87 5.43
CA PHE B 133 12.42 -16.17 6.59
C PHE B 133 11.29 -15.82 7.57
N LEU B 134 10.23 -15.20 7.08
CA LEU B 134 9.12 -14.84 7.95
C LEU B 134 8.48 -16.06 8.61
N ALA B 135 8.28 -17.11 7.83
CA ALA B 135 7.64 -18.31 8.35
C ALA B 135 8.48 -18.97 9.45
N THR B 136 9.80 -18.82 9.36
CA THR B 136 10.73 -19.47 10.25
C THR B 136 11.00 -18.63 11.49
N ASN B 137 11.04 -17.30 11.32
CA ASN B 137 11.52 -16.39 12.35
C ASN B 137 10.49 -15.41 12.88
N GLY B 138 9.42 -15.16 12.14
CA GLY B 138 8.56 -14.02 12.43
C GLY B 138 9.26 -12.72 12.11
N SER B 139 8.66 -11.62 12.52
CA SER B 139 9.20 -10.28 12.29
C SER B 139 9.02 -9.43 13.52
N THR B 140 10.10 -8.82 13.97
CA THR B 140 10.01 -7.82 15.02
C THR B 140 9.58 -6.50 14.38
N LEU B 141 8.50 -5.92 14.92
CA LEU B 141 8.02 -4.62 14.50
C LEU B 141 8.51 -3.57 15.47
N THR B 142 9.23 -2.58 14.96
CA THR B 142 9.78 -1.50 15.77
C THR B 142 9.18 -0.19 15.29
N ILE B 143 8.49 0.52 16.18
CA ILE B 143 7.86 1.78 15.84
C ILE B 143 8.62 2.93 16.51
N GLN B 144 8.59 4.09 15.86
CA GLN B 144 9.27 5.27 16.37
C GLN B 144 8.58 6.51 15.83
N SER B 145 8.34 7.47 16.71
CA SER B 145 7.82 8.77 16.35
C SER B 145 8.98 9.74 16.16
N ASN B 146 8.89 10.58 15.13
CA ASN B 146 9.95 11.54 14.82
C ASN B 146 9.40 12.97 14.87
N GLY B 147 10.20 13.87 15.41
CA GLY B 147 9.83 15.27 15.60
C GLY B 147 9.52 15.59 17.05
N ALA B 148 8.78 14.68 17.69
CA ALA B 148 8.39 14.76 19.08
C ALA B 148 7.65 13.46 19.36
N ALA B 149 7.34 13.20 20.62
CA ALA B 149 6.55 12.03 20.96
C ALA B 149 5.13 12.21 20.45
N PHE B 150 4.50 11.08 20.14
CA PHE B 150 3.14 11.02 19.62
C PHE B 150 2.23 10.40 20.67
N THR B 151 1.03 10.94 20.84
CA THR B 151 0.07 10.39 21.77
C THR B 151 -1.10 9.80 20.99
N ALA B 152 -1.22 8.47 21.02
CA ALA B 152 -2.28 7.76 20.31
C ALA B 152 -3.51 7.55 21.18
N THR B 153 -4.69 7.82 20.61
CA THR B 153 -5.93 7.66 21.33
C THR B 153 -6.82 6.54 20.74
N THR B 154 -6.61 6.17 19.47
CA THR B 154 -7.19 4.95 18.90
C THR B 154 -6.15 4.29 18.04
N ILE B 155 -6.03 2.96 18.18
CA ILE B 155 -5.12 2.18 17.35
C ILE B 155 -5.87 1.00 16.76
N LYS B 156 -5.78 0.81 15.45
CA LYS B 156 -6.34 -0.35 14.77
C LYS B 156 -5.20 -1.03 14.03
N ILE B 157 -4.98 -2.32 14.30
CA ILE B 157 -3.91 -3.06 13.65
C ILE B 157 -4.51 -4.33 13.04
N ILE B 158 -4.13 -4.57 11.79
CA ILE B 158 -4.61 -5.72 11.02
C ILE B 158 -3.43 -6.45 10.39
N ALA B 159 -3.41 -7.77 10.56
CA ALA B 159 -2.57 -8.65 9.78
C ALA B 159 -3.47 -9.76 9.27
N GLU B 160 -3.39 -10.06 7.97
CA GLU B 160 -4.25 -11.08 7.41
C GLU B 160 -3.54 -11.86 6.33
N GLN B 161 -3.91 -13.13 6.26
CA GLN B 161 -3.29 -14.08 5.38
C GLN B 161 -4.26 -15.23 5.24
N SER C 9 -12.85 -32.20 -11.46
CA SER C 9 -11.69 -32.44 -12.31
C SER C 9 -11.08 -31.13 -12.84
N SER C 10 -11.47 -30.71 -14.04
CA SER C 10 -10.79 -29.56 -14.61
C SER C 10 -11.13 -28.22 -13.92
N ARG C 11 -12.33 -28.04 -13.38
CA ARG C 11 -12.64 -26.80 -12.66
C ARG C 11 -11.82 -26.72 -11.37
N ILE C 12 -11.55 -27.87 -10.75
CA ILE C 12 -10.70 -27.90 -9.57
C ILE C 12 -9.25 -27.51 -9.92
N SER C 13 -8.72 -28.11 -10.98
CA SER C 13 -7.37 -27.78 -11.42
C SER C 13 -7.27 -26.29 -11.80
N ALA C 14 -8.30 -25.78 -12.45
CA ALA C 14 -8.31 -24.36 -12.80
C ALA C 14 -8.27 -23.49 -11.54
N LEU C 15 -9.06 -23.85 -10.54
CA LEU C 15 -9.07 -23.12 -9.29
C LEU C 15 -7.72 -23.16 -8.59
N GLU C 16 -7.03 -24.29 -8.65
CA GLU C 16 -5.68 -24.39 -8.11
C GLU C 16 -4.76 -23.42 -8.83
N TYR C 17 -4.86 -23.30 -10.14
CA TYR C 17 -4.07 -22.32 -10.87
C TYR C 17 -4.42 -20.89 -10.44
N ALA C 18 -5.71 -20.61 -10.34
CA ALA C 18 -6.21 -19.28 -10.03
C ALA C 18 -5.73 -18.80 -8.66
N THR C 19 -5.52 -19.73 -7.74
CA THR C 19 -5.18 -19.40 -6.37
C THR C 19 -3.70 -19.64 -6.06
N THR C 20 -2.88 -19.91 -7.08
CA THR C 20 -1.44 -20.05 -6.91
C THR C 20 -0.76 -18.74 -7.26
N ARG C 21 0.02 -18.22 -6.32
CA ARG C 21 0.75 -16.99 -6.53
C ARG C 21 1.90 -17.23 -7.51
N LYS C 22 2.04 -16.33 -8.47
CA LYS C 22 3.20 -16.29 -9.36
C LYS C 22 4.02 -15.07 -8.95
N LYS C 23 5.34 -15.19 -8.87
CA LYS C 23 6.13 -14.10 -8.34
C LYS C 23 7.53 -14.03 -8.88
N SER C 24 8.02 -12.79 -9.00
CA SER C 24 9.44 -12.46 -9.00
C SER C 24 9.77 -11.77 -7.69
N GLU C 25 10.76 -12.28 -6.98
CA GLU C 25 11.23 -11.66 -5.75
C GLU C 25 12.74 -11.69 -5.82
N VAL C 26 13.32 -10.53 -6.07
CA VAL C 26 14.74 -10.43 -6.36
C VAL C 26 15.40 -9.56 -5.32
N VAL C 27 16.50 -10.06 -4.76
CA VAL C 27 17.28 -9.33 -3.78
C VAL C 27 18.67 -9.12 -4.32
N TYR C 28 19.12 -7.86 -4.23
CA TYR C 28 20.48 -7.46 -4.56
C TYR C 28 21.14 -7.00 -3.27
N SER C 29 22.16 -7.71 -2.80
CA SER C 29 22.83 -7.44 -1.53
C SER C 29 24.24 -6.94 -1.74
N GLY C 30 24.68 -6.09 -0.81
CA GLY C 30 26.04 -5.62 -0.75
C GLY C 30 26.40 -4.77 -1.94
N VAL C 31 25.44 -4.04 -2.49
CA VAL C 31 25.74 -3.20 -3.64
C VAL C 31 26.01 -1.76 -3.16
N SER C 32 26.40 -0.89 -4.07
CA SER C 32 26.53 0.54 -3.77
C SER C 32 26.13 1.24 -5.05
N VAL C 33 24.82 1.35 -5.25
CA VAL C 33 24.25 1.74 -6.53
C VAL C 33 23.69 3.14 -6.44
N THR C 34 24.11 4.02 -7.33
CA THR C 34 23.51 5.33 -7.32
C THR C 34 22.16 5.35 -8.05
N ILE C 35 21.12 5.82 -7.38
CA ILE C 35 19.85 6.13 -8.01
C ILE C 35 19.91 7.61 -8.31
N PRO C 36 19.99 7.97 -9.61
CA PRO C 36 20.28 9.39 -9.83
C PRO C 36 19.08 10.31 -9.66
N THR C 37 19.37 11.61 -9.71
CA THR C 37 18.36 12.65 -9.60
C THR C 37 17.63 12.92 -10.91
N ALA C 38 18.08 12.27 -11.98
CA ALA C 38 17.41 12.29 -13.28
C ALA C 38 16.58 11.02 -13.48
N PRO C 39 15.53 11.09 -14.30
CA PRO C 39 14.71 9.88 -14.53
C PRO C 39 15.53 8.71 -15.07
N THR C 40 15.35 7.53 -14.48
CA THR C 40 16.17 6.37 -14.78
C THR C 40 15.30 5.14 -14.90
N ASN C 41 15.50 4.38 -15.97
CA ASN C 41 14.73 3.16 -16.15
C ASN C 41 15.17 2.14 -15.10
N LEU C 42 14.26 1.72 -14.23
CA LEU C 42 14.63 0.88 -13.10
C LEU C 42 15.08 -0.50 -13.53
N VAL C 43 14.41 -1.10 -14.51
CA VAL C 43 14.83 -2.42 -14.96
C VAL C 43 16.23 -2.34 -15.59
N SER C 44 16.50 -1.30 -16.37
CA SER C 44 17.83 -1.09 -16.94
C SER C 44 18.89 -1.00 -15.85
N LEU C 45 18.57 -0.34 -14.75
CA LEU C 45 19.50 -0.22 -13.63
C LEU C 45 19.71 -1.56 -12.92
N LEU C 46 18.64 -2.29 -12.64
CA LEU C 46 18.76 -3.51 -11.87
C LEU C 46 19.47 -4.61 -12.65
N LYS C 47 19.27 -4.65 -13.96
CA LYS C 47 19.74 -5.80 -14.71
C LYS C 47 21.26 -5.76 -14.80
N THR C 48 21.87 -4.63 -14.44
CA THR C 48 23.33 -4.52 -14.38
C THR C 48 23.91 -5.14 -13.11
N LEU C 49 23.05 -5.41 -12.13
CA LEU C 49 23.47 -5.92 -10.83
C LEU C 49 23.31 -7.43 -10.80
N THR C 50 24.10 -8.09 -9.96
CA THR C 50 23.94 -9.52 -9.76
C THR C 50 23.01 -9.83 -8.58
N PRO C 51 21.89 -10.54 -8.83
CA PRO C 51 21.04 -10.87 -7.67
C PRO C 51 21.72 -11.80 -6.68
N SER C 52 21.45 -11.59 -5.40
CA SER C 52 21.84 -12.55 -4.37
CA SER C 52 21.82 -12.53 -4.36
C SER C 52 20.80 -13.66 -4.27
N SER C 53 19.56 -13.37 -4.65
CA SER C 53 18.51 -14.39 -4.74
C SER C 53 17.40 -13.93 -5.67
N GLY C 54 16.70 -14.90 -6.25
CA GLY C 54 15.59 -14.64 -7.13
C GLY C 54 15.98 -14.30 -8.56
N THR C 55 14.95 -14.13 -9.38
CA THR C 55 15.15 -13.81 -10.78
C THR C 55 14.16 -12.73 -11.24
N LEU C 56 14.65 -11.87 -12.12
CA LEU C 56 13.80 -10.86 -12.71
C LEU C 56 12.66 -11.50 -13.50
N ALA C 57 12.92 -12.59 -14.21
CA ALA C 57 11.86 -13.33 -14.90
C ALA C 57 10.91 -13.94 -13.87
N PRO C 58 9.60 -13.97 -14.17
CA PRO C 58 8.94 -13.59 -15.42
C PRO C 58 8.40 -12.16 -15.46
N PHE C 59 8.42 -11.43 -14.35
CA PHE C 59 7.75 -10.13 -14.30
C PHE C 59 8.55 -8.95 -14.80
N PHE C 60 9.86 -9.11 -14.96
CA PHE C 60 10.69 -8.00 -15.43
C PHE C 60 11.44 -8.42 -16.68
N ASP C 61 11.09 -7.73 -17.76
CA ASP C 61 11.58 -7.97 -19.11
C ASP C 61 12.84 -7.15 -19.32
N THR C 62 13.97 -7.83 -19.46
CA THR C 62 15.26 -7.17 -19.54
C THR C 62 15.68 -6.85 -20.98
N VAL C 63 14.83 -7.18 -21.95
CA VAL C 63 15.06 -6.77 -23.34
C VAL C 63 14.42 -5.40 -23.56
N ASN C 64 13.15 -5.26 -23.14
CA ASN C 64 12.45 -4.01 -23.33
C ASN C 64 12.46 -3.14 -22.08
N ASN C 65 13.11 -3.64 -21.02
CA ASN C 65 13.30 -2.86 -19.80
C ASN C 65 12.00 -2.36 -19.20
N LYS C 66 11.12 -3.30 -18.91
CA LYS C 66 9.81 -2.99 -18.38
C LYS C 66 9.31 -4.12 -17.49
N MET C 67 8.32 -3.80 -16.67
CA MET C 67 7.57 -4.82 -15.98
C MET C 67 6.51 -5.35 -16.94
N VAL C 68 6.32 -6.67 -16.91
CA VAL C 68 5.30 -7.33 -17.72
C VAL C 68 4.43 -8.15 -16.80
N VAL C 69 3.24 -8.51 -17.27
CA VAL C 69 2.25 -9.17 -16.45
C VAL C 69 1.67 -10.38 -17.15
N PHE C 70 1.07 -11.27 -16.38
CA PHE C 70 0.34 -12.37 -16.97
C PHE C 70 -1.01 -11.86 -17.47
N ASN C 71 -1.44 -12.41 -18.60
CA ASN C 71 -2.64 -11.94 -19.27
C ASN C 71 -3.87 -12.59 -18.65
N GLU C 72 -4.19 -12.10 -17.45
CA GLU C 72 -5.16 -12.72 -16.54
C GLU C 72 -5.87 -11.63 -15.79
N ASN C 73 -7.13 -11.87 -15.46
CA ASN C 73 -7.90 -10.94 -14.62
C ASN C 73 -7.54 -11.15 -13.16
N LYS C 74 -6.30 -10.83 -12.85
CA LYS C 74 -5.74 -11.06 -11.51
C LYS C 74 -4.84 -9.89 -11.17
N THR C 75 -5.05 -9.30 -10.01
CA THR C 75 -4.28 -8.13 -9.59
C THR C 75 -2.83 -8.50 -9.26
N LEU C 76 -1.94 -7.61 -9.65
CA LEU C 76 -0.52 -7.71 -9.40
C LEU C 76 -0.17 -6.81 -8.21
N PHE C 77 0.56 -7.36 -7.25
CA PHE C 77 1.05 -6.60 -6.10
C PHE C 77 2.54 -6.37 -6.25
N PHE C 78 2.96 -5.13 -5.98
CA PHE C 78 4.33 -4.70 -6.22
C PHE C 78 4.92 -4.10 -4.95
N LYS C 79 6.16 -4.45 -4.63
CA LYS C 79 6.86 -3.82 -3.53
C LYS C 79 8.32 -3.61 -3.89
N LEU C 80 8.85 -2.44 -3.52
CA LEU C 80 10.26 -2.12 -3.67
C LEU C 80 10.76 -1.65 -2.31
N SER C 81 11.70 -2.39 -1.74
CA SER C 81 12.29 -2.11 -0.45
C SER C 81 13.77 -1.83 -0.66
N ILE C 82 14.23 -0.65 -0.25
CA ILE C 82 15.60 -0.23 -0.50
C ILE C 82 16.26 0.18 0.80
N VAL C 83 17.39 -0.45 1.09
CA VAL C 83 18.27 -0.02 2.17
C VAL C 83 19.34 0.84 1.49
N GLY C 84 19.57 2.04 1.99
CA GLY C 84 20.57 2.90 1.39
C GLY C 84 20.65 4.22 2.10
N THR C 85 21.26 5.20 1.43
CA THR C 85 21.54 6.46 2.07
C THR C 85 21.44 7.63 1.11
N TRP C 86 20.98 8.75 1.64
CA TRP C 86 21.22 10.05 1.05
C TRP C 86 22.46 10.64 1.70
N PRO C 87 23.08 11.65 1.06
CA PRO C 87 24.26 12.25 1.68
C PRO C 87 23.97 12.78 3.07
N SER C 88 24.93 12.65 3.97
CA SER C 88 24.76 13.15 5.32
C SER C 88 24.38 14.62 5.27
N GLY C 89 23.40 14.98 6.09
CA GLY C 89 22.92 16.35 6.15
C GLY C 89 21.74 16.64 5.24
N THR C 90 21.37 15.71 4.38
CA THR C 90 20.23 15.95 3.50
C THR C 90 18.93 15.99 4.29
N ALA C 91 18.20 17.09 4.20
CA ALA C 91 16.94 17.23 4.94
C ALA C 91 15.76 16.84 4.04
N ASN C 92 15.23 17.76 3.24
CA ASN C 92 14.15 17.41 2.33
C ASN C 92 14.66 16.48 1.25
N ARG C 93 13.97 15.36 1.06
CA ARG C 93 14.43 14.37 0.11
C ARG C 93 13.28 13.42 -0.18
N SER C 94 13.29 12.79 -1.35
CA SER C 94 12.26 11.79 -1.64
C SER C 94 12.74 10.81 -2.69
N MET C 95 12.09 9.66 -2.73
CA MET C 95 12.26 8.69 -3.78
C MET C 95 10.94 8.57 -4.53
N GLN C 96 11.00 8.60 -5.85
CA GLN C 96 9.80 8.48 -6.67
C GLN C 96 9.95 7.37 -7.71
N LEU C 97 8.83 6.75 -8.02
CA LEU C 97 8.78 5.65 -8.98
C LEU C 97 7.51 5.78 -9.81
N THR C 98 7.67 5.94 -11.12
CA THR C 98 6.54 6.05 -12.03
C THR C 98 6.40 4.78 -12.85
N PHE C 99 5.15 4.35 -13.02
CA PHE C 99 4.77 3.22 -13.85
C PHE C 99 3.96 3.75 -15.01
N SER C 100 4.41 3.53 -16.24
CA SER C 100 3.59 3.87 -17.39
C SER C 100 2.34 2.98 -17.41
N GLY C 101 1.29 3.47 -18.03
CA GLY C 101 0.02 2.76 -18.08
C GLY C 101 -0.97 3.62 -18.81
N SER C 102 -2.21 3.16 -18.90
CA SER C 102 -3.24 3.98 -19.53
C SER C 102 -3.30 5.33 -18.80
N VAL C 103 -3.28 5.28 -17.47
CA VAL C 103 -2.98 6.44 -16.63
C VAL C 103 -1.72 6.08 -15.85
N PRO C 104 -0.65 6.87 -15.99
CA PRO C 104 0.58 6.56 -15.26
C PRO C 104 0.41 6.75 -13.77
N ASP C 105 1.08 5.92 -12.98
CA ASP C 105 1.04 6.04 -11.52
C ASP C 105 2.39 6.48 -11.00
N THR C 106 2.41 7.47 -10.13
CA THR C 106 3.66 7.98 -9.54
C THR C 106 3.62 7.82 -8.04
N LEU C 107 4.46 6.90 -7.56
CA LEU C 107 4.66 6.68 -6.14
C LEU C 107 5.74 7.62 -5.63
N VAL C 108 5.52 8.19 -4.45
CA VAL C 108 6.49 9.07 -3.82
C VAL C 108 6.63 8.73 -2.35
N SER C 109 7.86 8.58 -1.89
CA SER C 109 8.14 8.50 -0.46
C SER C 109 9.02 9.69 -0.10
N SER C 110 8.42 10.67 0.55
CA SER C 110 9.09 11.91 0.89
C SER C 110 9.40 11.96 2.38
N ARG C 111 10.47 12.66 2.73
CA ARG C 111 10.75 12.91 4.13
C ARG C 111 11.56 14.20 4.26
N ASN C 112 11.85 14.55 5.49
CA ASN C 112 12.43 15.83 5.83
C ASN C 112 13.34 15.65 7.05
N SER C 113 13.75 16.77 7.62
CA SER C 113 14.70 16.77 8.74
C SER C 113 14.28 15.92 9.92
N ALA C 114 12.98 15.65 10.11
CA ALA C 114 12.56 14.91 11.28
C ALA C 114 12.95 13.43 11.24
N THR C 115 13.11 12.88 10.03
CA THR C 115 13.37 11.45 9.87
C THR C 115 14.84 11.21 9.59
N THR C 116 15.45 10.30 10.35
CA THR C 116 16.85 9.95 10.15
C THR C 116 17.03 8.84 9.14
N THR C 117 16.22 7.80 9.23
CA THR C 117 16.37 6.70 8.28
C THR C 117 16.16 7.16 6.85
N ASP C 118 16.96 6.58 5.95
CA ASP C 118 16.83 6.82 4.52
C ASP C 118 16.22 5.63 3.79
N ASN C 119 15.87 4.57 4.50
CA ASN C 119 15.37 3.39 3.83
C ASN C 119 13.99 3.63 3.27
N ILE C 120 13.69 2.97 2.15
CA ILE C 120 12.51 3.27 1.36
C ILE C 120 11.65 2.01 1.20
N LEU C 121 10.35 2.17 1.30
CA LEU C 121 9.42 1.08 1.03
C LEU C 121 8.29 1.67 0.20
N LEU C 122 8.22 1.25 -1.06
CA LEU C 122 7.15 1.64 -1.98
C LEU C 122 6.33 0.38 -2.28
N ALA C 123 5.03 0.44 -2.08
CA ALA C 123 4.17 -0.71 -2.38
C ALA C 123 2.90 -0.21 -3.04
N THR C 124 2.37 -1.02 -3.95
CA THR C 124 1.14 -0.70 -4.64
C THR C 124 0.58 -1.96 -5.28
N PHE C 125 -0.50 -1.79 -6.03
CA PHE C 125 -1.06 -2.87 -6.83
C PHE C 125 -1.52 -2.33 -8.18
N PHE C 126 -1.70 -3.26 -9.12
CA PHE C 126 -2.18 -2.97 -10.46
C PHE C 126 -3.27 -3.96 -10.80
N SER C 127 -4.45 -3.44 -11.09
CA SER C 127 -5.62 -4.28 -11.32
C SER C 127 -5.67 -4.72 -12.78
N VAL C 128 -4.80 -5.67 -13.10
CA VAL C 128 -4.61 -6.13 -14.47
C VAL C 128 -5.89 -6.72 -15.03
N ASP C 129 -6.25 -6.27 -16.22
CA ASP C 129 -7.35 -6.85 -17.00
C ASP C 129 -6.80 -7.70 -18.14
N LYS C 130 -7.44 -8.83 -18.39
CA LYS C 130 -7.07 -9.63 -19.54
C LYS C 130 -7.20 -8.79 -20.81
N ASP C 131 -6.16 -8.80 -21.62
CA ASP C 131 -6.10 -8.03 -22.86
C ASP C 131 -6.21 -6.52 -22.65
N GLY C 132 -5.94 -6.06 -21.44
CA GLY C 132 -5.92 -4.64 -21.13
C GLY C 132 -4.57 -4.02 -21.40
N PHE C 133 -4.37 -2.79 -20.94
CA PHE C 133 -3.18 -2.03 -21.30
C PHE C 133 -1.90 -2.68 -20.80
N LEU C 134 -1.85 -3.01 -19.52
CA LEU C 134 -0.66 -3.64 -18.97
C LEU C 134 -0.36 -4.98 -19.63
N ALA C 135 -1.39 -5.79 -19.85
CA ALA C 135 -1.21 -7.10 -20.44
C ALA C 135 -0.67 -6.98 -21.85
N THR C 136 -1.03 -5.91 -22.54
CA THR C 136 -0.66 -5.72 -23.93
C THR C 136 0.69 -5.04 -24.07
N ASN C 137 1.00 -4.11 -23.18
CA ASN C 137 2.15 -3.22 -23.34
C ASN C 137 3.24 -3.34 -22.28
N GLY C 138 2.92 -3.92 -21.13
CA GLY C 138 3.81 -3.84 -19.99
C GLY C 138 3.84 -2.42 -19.44
N SER C 139 4.77 -2.17 -18.53
CA SER C 139 4.91 -0.87 -17.89
C SER C 139 6.37 -0.51 -17.76
N THR C 140 6.74 0.67 -18.23
CA THR C 140 8.07 1.18 -17.97
C THR C 140 8.11 1.78 -16.57
N LEU C 141 9.06 1.32 -15.76
CA LEU C 141 9.30 1.84 -14.41
C LEU C 141 10.43 2.84 -14.46
N THR C 142 10.15 4.07 -14.03
CA THR C 142 11.15 5.12 -14.01
C THR C 142 11.33 5.60 -12.58
N ILE C 143 12.55 5.45 -12.06
CA ILE C 143 12.87 5.83 -10.70
C ILE C 143 13.70 7.11 -10.70
N GLN C 144 13.57 7.89 -9.63
CA GLN C 144 14.32 9.13 -9.50
C GLN C 144 14.44 9.48 -8.04
N SER C 145 15.64 9.87 -7.64
CA SER C 145 15.90 10.37 -6.30
C SER C 145 15.86 11.90 -6.30
N ASN C 146 15.28 12.48 -5.27
CA ASN C 146 15.08 13.93 -5.19
C ASN C 146 15.75 14.50 -3.96
N GLY C 147 16.37 15.66 -4.11
CA GLY C 147 17.09 16.32 -3.03
C GLY C 147 18.59 16.16 -3.21
N ALA C 148 18.99 14.94 -3.55
CA ALA C 148 20.36 14.53 -3.90
C ALA C 148 20.22 13.08 -4.40
N ALA C 149 21.27 12.48 -4.99
CA ALA C 149 21.22 11.09 -5.41
C ALA C 149 21.23 10.19 -4.19
N PHE C 150 20.70 9.00 -4.37
CA PHE C 150 20.59 8.01 -3.32
C PHE C 150 21.53 6.86 -3.63
N THR C 151 22.23 6.36 -2.62
CA THR C 151 23.11 5.23 -2.81
C THR C 151 22.45 4.02 -2.18
N ALA C 152 22.05 3.06 -3.01
CA ALA C 152 21.36 1.86 -2.55
C ALA C 152 22.36 0.76 -2.26
N THR C 153 22.21 0.10 -1.12
CA THR C 153 23.08 -0.99 -0.72
C THR C 153 22.39 -2.35 -0.60
N THR C 154 21.08 -2.36 -0.42
CA THR C 154 20.29 -3.58 -0.58
C THR C 154 19.02 -3.18 -1.32
N ILE C 155 18.64 -3.97 -2.32
CA ILE C 155 17.39 -3.72 -3.04
C ILE C 155 16.61 -5.03 -3.08
N LYS C 156 15.34 -4.98 -2.67
CA LYS C 156 14.43 -6.11 -2.77
C LYS C 156 13.24 -5.64 -3.60
N ILE C 157 12.96 -6.33 -4.71
CA ILE C 157 11.86 -5.98 -5.57
C ILE C 157 10.97 -7.20 -5.77
N ILE C 158 9.66 -6.98 -5.62
CA ILE C 158 8.66 -8.04 -5.73
C ILE C 158 7.55 -7.61 -6.66
N ALA C 159 7.20 -8.48 -7.60
CA ALA C 159 5.96 -8.39 -8.36
C ALA C 159 5.30 -9.75 -8.27
N GLU C 160 4.03 -9.80 -7.95
CA GLU C 160 3.33 -11.07 -7.82
C GLU C 160 1.92 -10.98 -8.33
N GLN C 161 1.47 -12.09 -8.90
CA GLN C 161 0.19 -12.16 -9.57
C GLN C 161 -0.15 -13.63 -9.66
#